data_2Z1T
#
_entry.id   2Z1T
#
_cell.length_a   67.400
_cell.length_b   67.400
_cell.length_c   183.988
_cell.angle_alpha   90.00
_cell.angle_beta   90.00
_cell.angle_gamma   120.00
#
_symmetry.space_group_name_H-M   'P 31 2 1'
#
loop_
_entity.id
_entity.type
_entity.pdbx_description
1 polymer 'Hydrogenase expression/formation protein HypE'
2 water water
#
_entity_poly.entity_id   1
_entity_poly.type   'polypeptide(L)'
_entity_poly.pdbx_seq_one_letter_code
;GAMSGETLLLDYGSGGRASHRLISDLFLRHFDNPILGTLNDAARLDLTGPLAMSTDSYTVDPIFFPGGDIGTLAVHGTVN
DVSMLGARPRYLSCGFILEEGLDMDILERVVASMGKAAREAGVFIVTGDTKVVPRGACDKMFINTTGIGEILVDPAPSGD
RARPGDAILISGSMGDHGLTILSQRQGLNFAADVCSDSASLNRVVEKLVLEVGDIHVLRDPTRGGLATTLNEIAGQSQAV
CHVLETAVPVRESVRNGCSFLGLDPLYLANEGKLICILPEERAEAALAVLREGPHGEHAARIGSVKSVGELGAARAGQVV
METALGGHRLLSMLEGEQLPRIC
;
_entity_poly.pdbx_strand_id   A
#
# COMPACT_ATOMS: atom_id res chain seq x y z
N ILE A 23 2.35 -30.38 11.04
CA ILE A 23 2.11 -30.88 9.65
C ILE A 23 2.68 -29.94 8.57
N SER A 24 2.24 -28.69 8.57
CA SER A 24 2.69 -27.70 7.58
C SER A 24 3.96 -26.99 8.05
N ASP A 25 5.11 -27.53 7.68
CA ASP A 25 6.39 -26.88 7.97
C ASP A 25 7.35 -26.71 6.76
N LEU A 26 6.72 -26.21 5.70
CA LEU A 26 7.37 -25.45 4.64
C LEU A 26 7.81 -24.08 5.17
N PHE A 27 7.42 -23.75 6.40
CA PHE A 27 7.74 -22.47 7.01
C PHE A 27 9.23 -22.24 7.17
N LEU A 28 9.93 -23.21 7.75
CA LEU A 28 11.39 -23.15 7.86
C LEU A 28 12.04 -23.42 6.52
N ARG A 29 11.31 -24.12 5.64
CA ARG A 29 11.76 -24.34 4.28
C ARG A 29 11.70 -23.06 3.41
N HIS A 30 11.00 -22.02 3.90
CA HIS A 30 10.88 -20.76 3.15
C HIS A 30 11.22 -19.49 3.96
N PHE A 31 11.06 -19.55 5.29
CA PHE A 31 11.27 -18.38 6.18
C PHE A 31 12.52 -18.48 7.06
N ASP A 32 13.11 -19.67 7.16
CA ASP A 32 14.08 -20.02 8.23
C ASP A 32 15.08 -18.95 8.70
N ASN A 33 15.09 -18.77 10.02
CA ASN A 33 16.05 -17.92 10.73
C ASN A 33 16.02 -18.33 12.20
N PRO A 34 17.07 -18.01 12.98
CA PRO A 34 17.17 -18.56 14.36
C PRO A 34 16.14 -17.97 15.35
N ILE A 35 15.58 -16.80 15.02
CA ILE A 35 14.50 -16.17 15.81
C ILE A 35 13.16 -16.94 15.67
N LEU A 36 12.81 -17.32 14.44
CA LEU A 36 11.63 -18.19 14.20
C LEU A 36 11.89 -19.66 14.60
N GLY A 37 13.10 -20.15 14.34
CA GLY A 37 13.44 -21.56 14.53
C GLY A 37 13.80 -21.93 15.95
N THR A 38 13.28 -21.14 16.89
CA THR A 38 13.42 -21.37 18.32
C THR A 38 12.08 -21.91 18.86
N LEU A 39 11.01 -21.56 18.14
CA LEU A 39 9.67 -22.14 18.28
C LEU A 39 9.03 -22.15 19.68
N ASN A 40 9.11 -20.99 20.33
CA ASN A 40 8.42 -20.66 21.60
C ASN A 40 7.09 -19.93 21.38
N ASP A 41 6.36 -19.71 22.47
CA ASP A 41 5.13 -18.87 22.48
C ASP A 41 5.31 -17.46 21.91
N ALA A 42 6.51 -16.89 22.04
CA ALA A 42 6.84 -15.59 21.48
C ALA A 42 8.27 -15.55 20.93
N ALA A 43 8.52 -14.65 20.00
CA ALA A 43 9.86 -14.44 19.45
C ALA A 43 10.57 -13.27 20.10
N ARG A 44 11.87 -13.40 20.35
CA ARG A 44 12.66 -12.32 20.93
C ARG A 44 13.21 -11.42 19.84
N LEU A 45 13.13 -10.12 20.09
CA LEU A 45 13.48 -9.12 19.11
C LEU A 45 14.42 -8.14 19.77
N ASP A 46 15.46 -7.74 19.06
CA ASP A 46 16.32 -6.68 19.53
C ASP A 46 16.09 -5.40 18.73
N LEU A 47 15.35 -4.44 19.29
CA LEU A 47 15.04 -3.20 18.57
C LEU A 47 15.21 -1.91 19.39
N THR A 48 15.67 -0.84 18.72
CA THR A 48 15.89 0.48 19.32
C THR A 48 14.64 1.36 19.51
N GLY A 49 14.18 1.47 20.74
CA GLY A 49 13.38 2.64 21.18
C GLY A 49 12.12 2.97 20.39
N PRO A 50 12.15 4.08 19.62
CA PRO A 50 10.88 4.47 18.96
C PRO A 50 10.60 3.58 17.76
N LEU A 51 9.45 2.90 17.76
CA LEU A 51 9.16 1.88 16.75
C LEU A 51 7.83 2.13 16.09
N ALA A 52 7.66 1.58 14.89
CA ALA A 52 6.38 1.66 14.20
C ALA A 52 5.76 0.26 14.15
N MET A 53 4.46 0.17 14.37
CA MET A 53 3.80 -1.13 14.35
C MET A 53 2.55 -1.11 13.49
N SER A 54 2.36 -2.15 12.72
CA SER A 54 1.22 -2.15 11.86
C SER A 54 0.68 -3.55 11.63
N THR A 55 -0.62 -3.68 11.43
CA THR A 55 -1.24 -4.98 11.18
C THR A 55 -2.22 -4.94 10.03
N ASP A 56 -2.30 -6.04 9.29
CA ASP A 56 -3.21 -6.15 8.17
C ASP A 56 -3.64 -7.57 7.99
N SER A 57 -4.90 -7.72 7.59
CA SER A 57 -5.37 -9.02 7.18
C SER A 57 -5.60 -9.00 5.69
N TYR A 58 -5.47 -10.15 5.05
CA TYR A 58 -5.46 -10.23 3.62
C TYR A 58 -6.49 -11.27 3.22
N THR A 59 -7.49 -10.81 2.45
CA THR A 59 -8.63 -11.63 2.07
C THR A 59 -8.83 -11.69 0.54
N VAL A 60 -7.87 -11.15 -0.20
CA VAL A 60 -8.00 -11.05 -1.65
C VAL A 60 -8.60 -12.31 -2.28
N ASP A 61 -9.51 -12.08 -3.23
CA ASP A 61 -10.15 -13.15 -3.99
C ASP A 61 -10.18 -12.76 -5.46
N PRO A 62 -9.50 -13.54 -6.34
CA PRO A 62 -8.83 -14.81 -6.10
C PRO A 62 -7.46 -14.66 -5.44
N ILE A 63 -6.77 -15.79 -5.30
CA ILE A 63 -5.59 -15.89 -4.47
C ILE A 63 -4.33 -15.74 -5.31
N PHE A 64 -4.38 -16.22 -6.55
CA PHE A 64 -3.32 -15.95 -7.51
C PHE A 64 -3.86 -15.08 -8.64
N PHE A 65 -3.07 -14.07 -9.01
CA PHE A 65 -3.45 -13.12 -10.04
C PHE A 65 -2.19 -12.63 -10.73
N PRO A 66 -2.32 -12.03 -11.93
CA PRO A 66 -1.14 -11.50 -12.59
C PRO A 66 -0.42 -10.48 -11.73
N GLY A 67 0.86 -10.72 -11.48
CA GLY A 67 1.71 -9.76 -10.77
C GLY A 67 1.82 -9.91 -9.26
N GLY A 68 1.13 -10.89 -8.69
CA GLY A 68 1.29 -11.18 -7.28
C GLY A 68 0.32 -12.21 -6.74
N ASP A 69 0.37 -12.41 -5.43
CA ASP A 69 -0.60 -13.26 -4.73
C ASP A 69 -0.78 -12.84 -3.28
N ILE A 70 -1.70 -13.49 -2.58
CA ILE A 70 -1.98 -13.22 -1.15
C ILE A 70 -0.69 -13.19 -0.29
N GLY A 71 0.24 -14.09 -0.60
CA GLY A 71 1.56 -14.11 0.05
C GLY A 71 2.26 -12.79 -0.23
N THR A 72 2.26 -12.45 -1.50
CA THR A 72 2.82 -11.20 -1.98
C THR A 72 2.24 -9.96 -1.27
N LEU A 73 0.91 -9.80 -1.30
CA LEU A 73 0.31 -8.69 -0.58
C LEU A 73 0.70 -8.74 0.90
N ALA A 74 0.56 -9.94 1.47
CA ALA A 74 0.75 -10.16 2.90
C ALA A 74 2.10 -9.63 3.41
N VAL A 75 3.18 -9.87 2.67
CA VAL A 75 4.45 -9.26 3.04
C VAL A 75 4.52 -7.80 2.61
N HIS A 76 4.36 -7.54 1.31
CA HIS A 76 4.59 -6.21 0.78
C HIS A 76 3.72 -5.18 1.50
N GLY A 77 2.42 -5.41 1.62
CA GLY A 77 1.52 -4.38 2.19
C GLY A 77 1.82 -4.05 3.65
N THR A 78 2.31 -5.02 4.42
CA THR A 78 2.66 -4.76 5.79
C THR A 78 4.03 -4.08 5.92
N VAL A 79 4.95 -4.45 5.03
CA VAL A 79 6.21 -3.73 4.95
C VAL A 79 5.94 -2.24 4.68
N ASN A 80 5.01 -2.01 3.76
CA ASN A 80 4.64 -0.65 3.40
C ASN A 80 4.02 0.07 4.57
N ASP A 81 3.02 -0.53 5.20
CA ASP A 81 2.35 0.14 6.30
C ASP A 81 3.30 0.61 7.38
N VAL A 82 4.33 -0.19 7.65
CA VAL A 82 5.30 0.14 8.71
C VAL A 82 6.12 1.34 8.25
N SER A 83 6.62 1.30 7.01
CA SER A 83 7.44 2.40 6.43
C SER A 83 6.69 3.72 6.43
N MET A 84 5.37 3.71 6.29
CA MET A 84 4.62 4.99 6.24
C MET A 84 4.87 5.89 7.43
N LEU A 85 5.36 5.33 8.53
CA LEU A 85 5.76 6.16 9.66
C LEU A 85 7.24 6.59 9.54
N GLY A 86 7.77 6.59 8.32
CA GLY A 86 9.20 6.85 8.14
C GLY A 86 10.02 5.90 8.99
N ALA A 87 9.71 4.61 8.89
CA ALA A 87 10.38 3.60 9.68
C ALA A 87 11.00 2.52 8.81
N ARG A 88 12.03 1.87 9.36
CA ARG A 88 12.65 0.71 8.77
C ARG A 88 12.01 -0.58 9.32
N PRO A 89 11.21 -1.28 8.51
CA PRO A 89 10.64 -2.56 8.93
C PRO A 89 11.70 -3.63 9.11
N ARG A 90 11.65 -4.33 10.22
CA ARG A 90 12.64 -5.34 10.51
C ARG A 90 11.95 -6.68 10.62
N TYR A 91 10.83 -6.73 11.34
CA TYR A 91 10.20 -8.03 11.69
C TYR A 91 8.72 -8.11 11.42
N LEU A 92 8.32 -9.26 10.88
CA LEU A 92 6.92 -9.56 10.58
C LEU A 92 6.56 -10.74 11.40
N SER A 93 5.39 -10.75 11.87
CA SER A 93 4.78 -11.96 12.41
C SER A 93 3.61 -12.45 11.50
N CYS A 94 3.20 -13.69 11.52
CA CYS A 94 2.20 -13.95 10.55
C CYS A 94 1.22 -15.06 10.96
N GLY A 95 -0.03 -14.91 10.55
CA GLY A 95 -1.09 -15.77 11.07
C GLY A 95 -2.05 -16.26 10.02
N PHE A 96 -1.94 -17.53 9.64
CA PHE A 96 -2.83 -18.14 8.65
C PHE A 96 -4.12 -18.67 9.22
N ILE A 97 -5.21 -18.41 8.52
CA ILE A 97 -6.44 -19.14 8.75
C ILE A 97 -6.71 -19.87 7.43
N LEU A 98 -6.64 -21.21 7.50
CA LEU A 98 -6.74 -22.07 6.33
C LEU A 98 -7.97 -22.95 6.37
N GLU A 99 -8.50 -23.26 5.19
CA GLU A 99 -9.65 -24.15 5.04
C GLU A 99 -9.21 -25.61 4.96
N GLU A 100 -9.93 -26.46 5.70
CA GLU A 100 -9.73 -27.91 5.73
C GLU A 100 -9.74 -28.48 4.31
N GLY A 101 -8.74 -29.31 3.99
CA GLY A 101 -8.64 -29.93 2.66
C GLY A 101 -8.20 -29.00 1.54
N LEU A 102 -7.88 -27.78 1.90
CA LEU A 102 -7.21 -26.83 1.01
C LEU A 102 -6.04 -27.49 0.30
N ASP A 103 -5.86 -27.22 -0.99
CA ASP A 103 -4.79 -27.81 -1.80
C ASP A 103 -3.43 -27.41 -1.23
N MET A 104 -2.62 -28.40 -0.86
CA MET A 104 -1.33 -28.11 -0.22
C MET A 104 -0.37 -27.37 -1.16
N ASP A 105 -0.47 -27.65 -2.46
CA ASP A 105 0.35 -26.96 -3.45
C ASP A 105 0.09 -25.47 -3.40
N ILE A 106 -1.16 -25.09 -3.10
CA ILE A 106 -1.52 -23.69 -2.99
C ILE A 106 -0.79 -23.04 -1.80
N LEU A 107 -0.99 -23.60 -0.62
CA LEU A 107 -0.28 -23.16 0.57
C LEU A 107 1.24 -23.12 0.35
N GLU A 108 1.75 -24.06 -0.43
CA GLU A 108 3.18 -24.14 -0.74
C GLU A 108 3.60 -22.94 -1.57
N ARG A 109 2.81 -22.61 -2.59
CA ARG A 109 3.11 -21.47 -3.44
C ARG A 109 3.01 -20.14 -2.69
N VAL A 110 1.99 -20.03 -1.83
CA VAL A 110 1.76 -18.78 -1.08
C VAL A 110 2.87 -18.52 -0.07
N VAL A 111 3.31 -19.55 0.64
CA VAL A 111 4.39 -19.41 1.60
C VAL A 111 5.71 -19.09 0.90
N ALA A 112 5.93 -19.70 -0.26
CA ALA A 112 7.10 -19.41 -1.11
C ALA A 112 7.07 -17.97 -1.62
N SER A 113 5.90 -17.50 -2.00
CA SER A 113 5.76 -16.11 -2.30
C SER A 113 6.27 -15.26 -1.11
N MET A 114 5.89 -15.65 0.11
CA MET A 114 6.16 -14.84 1.32
C MET A 114 7.65 -14.79 1.65
N GLY A 115 8.29 -15.96 1.69
CA GLY A 115 9.74 -16.06 1.88
C GLY A 115 10.46 -15.10 0.96
N LYS A 116 10.26 -15.27 -0.36
CA LYS A 116 10.89 -14.40 -1.38
C LYS A 116 10.65 -12.91 -1.10
N ALA A 117 9.38 -12.53 -0.90
CA ALA A 117 9.04 -11.15 -0.61
C ALA A 117 9.78 -10.67 0.67
N ALA A 118 9.78 -11.47 1.73
CA ALA A 118 10.50 -11.08 2.96
C ALA A 118 11.99 -10.90 2.70
N ARG A 119 12.58 -11.85 1.98
CA ARG A 119 14.02 -11.87 1.68
C ARG A 119 14.31 -10.65 0.83
N GLU A 120 13.41 -10.42 -0.10
CA GLU A 120 13.52 -9.33 -1.04
C GLU A 120 13.47 -7.98 -0.35
N ALA A 121 12.70 -7.86 0.73
CA ALA A 121 12.54 -6.60 1.46
C ALA A 121 13.48 -6.42 2.66
N GLY A 122 14.25 -7.45 3.00
CA GLY A 122 15.21 -7.33 4.09
C GLY A 122 14.57 -7.53 5.46
N VAL A 123 13.50 -8.33 5.46
CA VAL A 123 12.59 -8.42 6.58
C VAL A 123 12.43 -9.88 7.00
N PHE A 124 12.42 -10.14 8.30
CA PHE A 124 12.29 -11.50 8.78
C PHE A 124 10.92 -11.78 9.38
N ILE A 125 10.28 -12.85 8.91
CA ILE A 125 9.11 -13.39 9.57
C ILE A 125 9.58 -14.19 10.78
N VAL A 126 9.34 -13.67 11.98
CA VAL A 126 9.97 -14.19 13.18
C VAL A 126 9.08 -15.09 14.03
N THR A 127 7.77 -14.97 13.88
CA THR A 127 6.83 -15.76 14.67
C THR A 127 5.54 -15.91 13.87
N GLY A 128 4.73 -16.92 14.23
CA GLY A 128 3.52 -17.17 13.50
C GLY A 128 2.45 -17.89 14.29
N ASP A 129 1.34 -18.19 13.63
CA ASP A 129 0.31 -19.07 14.16
C ASP A 129 -0.31 -19.69 12.95
N THR A 130 -1.06 -20.78 13.13
CA THR A 130 -1.81 -21.38 12.02
C THR A 130 -3.07 -22.03 12.56
N LYS A 131 -4.22 -21.52 12.14
CA LYS A 131 -5.49 -22.15 12.51
C LYS A 131 -6.09 -22.83 11.27
N VAL A 132 -6.64 -24.02 11.46
CA VAL A 132 -7.39 -24.72 10.41
C VAL A 132 -8.86 -24.79 10.79
N VAL A 133 -9.75 -24.56 9.82
CA VAL A 133 -11.17 -24.55 10.11
C VAL A 133 -11.95 -25.47 9.18
N PRO A 134 -13.07 -26.04 9.67
CA PRO A 134 -13.88 -26.89 8.80
C PRO A 134 -14.27 -26.20 7.48
N ARG A 135 -14.65 -26.99 6.49
CA ARG A 135 -14.98 -26.43 5.17
C ARG A 135 -16.27 -25.62 5.28
N GLY A 136 -16.32 -24.50 4.58
CA GLY A 136 -17.41 -23.54 4.75
C GLY A 136 -17.07 -22.42 5.73
N ALA A 137 -16.46 -22.79 6.85
CA ALA A 137 -16.05 -21.81 7.88
C ALA A 137 -15.14 -20.67 7.39
N CYS A 138 -14.29 -20.96 6.41
CA CYS A 138 -13.53 -19.91 5.71
C CYS A 138 -13.25 -20.27 4.24
N ASP A 139 -13.04 -19.26 3.40
CA ASP A 139 -12.85 -19.44 1.95
C ASP A 139 -11.38 -19.63 1.56
N LYS A 140 -10.95 -20.88 1.63
CA LYS A 140 -9.61 -21.33 1.22
C LYS A 140 -8.51 -20.94 2.21
N MET A 141 -8.24 -19.63 2.38
CA MET A 141 -7.30 -19.10 3.38
C MET A 141 -7.37 -17.56 3.57
N PHE A 142 -6.90 -17.10 4.73
CA PHE A 142 -6.74 -15.68 5.02
C PHE A 142 -5.43 -15.53 5.78
N ILE A 143 -4.81 -14.37 5.70
CA ILE A 143 -3.53 -14.16 6.36
C ILE A 143 -3.52 -12.82 7.06
N ASN A 144 -3.13 -12.79 8.32
CA ASN A 144 -2.83 -11.53 8.95
C ASN A 144 -1.31 -11.47 9.07
N THR A 145 -0.73 -10.29 8.90
CA THR A 145 0.67 -10.13 9.22
C THR A 145 0.79 -8.84 9.98
N THR A 146 1.83 -8.78 10.82
CA THR A 146 1.99 -7.61 11.68
C THR A 146 3.43 -7.29 11.56
N GLY A 147 3.72 -6.04 11.27
CA GLY A 147 5.09 -5.66 11.03
C GLY A 147 5.59 -4.82 12.16
N ILE A 148 6.90 -4.83 12.36
CA ILE A 148 7.51 -3.99 13.37
C ILE A 148 8.83 -3.43 12.86
N GLY A 149 9.06 -2.15 13.12
CA GLY A 149 10.25 -1.52 12.61
C GLY A 149 10.67 -0.34 13.45
N GLU A 150 11.82 0.23 13.11
CA GLU A 150 12.43 1.30 13.91
C GLU A 150 12.22 2.59 13.17
N ILE A 151 11.81 3.64 13.88
CA ILE A 151 11.51 4.91 13.24
C ILE A 151 12.80 5.68 13.03
N LEU A 152 12.97 6.20 11.81
CA LEU A 152 14.24 6.75 11.37
C LEU A 152 14.41 8.26 11.60
N VAL A 153 13.32 8.97 11.84
CA VAL A 153 13.37 10.43 11.99
C VAL A 153 12.43 11.00 13.04
N ASP A 154 12.80 12.20 13.51
CA ASP A 154 11.98 12.98 14.42
C ASP A 154 11.94 14.42 13.87
N PRO A 155 10.74 14.95 13.59
CA PRO A 155 9.42 14.31 13.62
C PRO A 155 9.28 13.31 12.47
N ALA A 156 8.30 12.42 12.58
CA ALA A 156 8.08 11.38 11.58
C ALA A 156 6.82 11.69 10.75
N PRO A 157 6.74 11.13 9.52
CA PRO A 157 5.58 11.42 8.66
C PRO A 157 4.29 11.00 9.34
N SER A 158 3.23 11.79 9.15
CA SER A 158 1.97 11.55 9.83
C SER A 158 0.83 12.30 9.15
N GLY A 159 -0.25 11.59 8.90
CA GLY A 159 -1.42 12.13 8.21
C GLY A 159 -1.88 13.50 8.62
N ASP A 160 -1.43 13.99 9.77
CA ASP A 160 -1.85 15.32 10.26
C ASP A 160 -0.78 16.40 10.06
N ARG A 161 0.25 16.09 9.28
CA ARG A 161 1.39 16.99 9.13
C ARG A 161 1.49 17.65 7.76
N ALA A 162 0.46 17.45 6.93
CA ALA A 162 0.38 18.15 5.66
C ALA A 162 0.15 19.61 5.99
N ARG A 163 0.81 20.51 5.27
CA ARG A 163 0.69 21.92 5.59
C ARG A 163 0.72 22.84 4.35
N PRO A 164 0.09 24.02 4.44
CA PRO A 164 0.07 25.00 3.33
C PRO A 164 1.41 25.11 2.61
N GLY A 165 1.43 24.77 1.34
CA GLY A 165 2.60 24.96 0.49
C GLY A 165 3.39 23.70 0.22
N ASP A 166 2.94 22.58 0.76
CA ASP A 166 3.53 21.28 0.49
C ASP A 166 3.10 20.78 -0.90
N ALA A 167 4.02 20.10 -1.57
CA ALA A 167 3.73 19.36 -2.79
C ALA A 167 3.13 17.97 -2.48
N ILE A 168 2.18 17.53 -3.30
CA ILE A 168 1.66 16.19 -3.16
C ILE A 168 2.24 15.39 -4.32
N LEU A 169 2.98 14.35 -3.97
CA LEU A 169 3.63 13.51 -4.95
C LEU A 169 3.04 12.10 -4.93
N ILE A 170 3.01 11.46 -6.09
CA ILE A 170 2.64 10.06 -6.15
C ILE A 170 3.84 9.20 -6.67
N SER A 171 3.98 8.01 -6.10
CA SER A 171 5.05 7.08 -6.49
C SER A 171 4.85 6.42 -7.88
N GLY A 172 3.64 6.50 -8.45
CA GLY A 172 3.31 5.73 -9.65
C GLY A 172 1.85 5.74 -10.06
N SER A 173 1.49 4.84 -10.98
CA SER A 173 0.16 4.86 -11.61
C SER A 173 -0.94 4.41 -10.67
N MET A 174 -2.16 4.91 -10.86
CA MET A 174 -3.26 4.63 -9.94
C MET A 174 -4.27 3.65 -10.52
N GLY A 175 -4.84 2.80 -9.69
CA GLY A 175 -5.91 1.94 -10.14
C GLY A 175 -5.50 0.53 -10.52
N ASP A 176 -4.22 0.33 -10.80
CA ASP A 176 -3.75 -0.95 -11.31
C ASP A 176 -4.25 -2.17 -10.53
N HIS A 177 -3.89 -2.28 -9.24
CA HIS A 177 -4.21 -3.49 -8.47
C HIS A 177 -5.71 -3.79 -8.45
N GLY A 178 -6.52 -2.84 -8.00
CA GLY A 178 -7.95 -3.03 -7.96
C GLY A 178 -8.52 -3.51 -9.28
N LEU A 179 -8.08 -2.88 -10.37
CA LEU A 179 -8.61 -3.19 -11.68
C LEU A 179 -8.29 -4.64 -12.02
N THR A 180 -7.05 -5.05 -11.76
CA THR A 180 -6.64 -6.38 -12.16
C THR A 180 -7.33 -7.50 -11.38
N ILE A 181 -7.57 -7.31 -10.03
CA ILE A 181 -8.29 -8.42 -9.41
C ILE A 181 -9.78 -8.35 -9.71
N LEU A 182 -10.42 -7.18 -9.79
CA LEU A 182 -11.80 -7.05 -10.28
C LEU A 182 -12.00 -7.66 -11.67
N SER A 183 -10.99 -7.57 -12.54
CA SER A 183 -11.11 -8.09 -13.89
C SER A 183 -10.76 -9.59 -14.00
N GLN A 184 -9.97 -10.09 -13.06
CA GLN A 184 -9.70 -11.52 -12.99
C GLN A 184 -10.94 -12.28 -12.53
N ARG A 185 -11.57 -11.72 -11.49
CA ARG A 185 -12.75 -12.29 -10.84
C ARG A 185 -13.96 -12.36 -11.80
N GLN A 186 -13.79 -11.83 -13.01
CA GLN A 186 -14.81 -11.90 -14.06
C GLN A 186 -14.29 -12.56 -15.34
N GLY A 187 -13.11 -13.18 -15.22
CA GLY A 187 -12.49 -13.95 -16.31
C GLY A 187 -11.94 -13.11 -17.45
N LEU A 188 -12.10 -11.80 -17.33
CA LEU A 188 -11.65 -10.84 -18.35
C LEU A 188 -10.13 -10.62 -18.28
N ASN A 189 -9.52 -10.43 -19.44
CA ASN A 189 -8.06 -10.32 -19.50
C ASN A 189 -7.47 -8.94 -19.74
N PHE A 190 -8.14 -8.11 -20.53
CA PHE A 190 -7.64 -6.78 -20.96
C PHE A 190 -6.16 -6.83 -21.30
N ALA A 191 -5.56 -5.64 -21.44
CA ALA A 191 -4.14 -5.55 -21.81
C ALA A 191 -3.28 -6.41 -20.90
N ALA A 192 -2.27 -7.05 -21.49
CA ALA A 192 -1.32 -7.87 -20.75
C ALA A 192 -0.55 -7.04 -19.72
N ASP A 193 -0.62 -5.72 -19.83
CA ASP A 193 0.20 -4.84 -18.99
C ASP A 193 -0.56 -4.31 -17.76
N VAL A 194 -1.79 -4.79 -17.61
CA VAL A 194 -2.61 -4.55 -16.43
C VAL A 194 -2.33 -5.68 -15.46
N CYS A 195 -1.59 -5.37 -14.40
CA CYS A 195 -1.36 -6.36 -13.36
C CYS A 195 -1.12 -5.68 -12.02
N SER A 196 -1.27 -6.44 -10.94
CA SER A 196 -1.02 -5.92 -9.60
C SER A 196 0.34 -5.28 -9.46
N ASP A 197 0.40 -4.29 -8.59
CA ASP A 197 1.62 -3.54 -8.35
C ASP A 197 2.18 -3.85 -6.98
N SER A 198 1.81 -5.00 -6.42
CA SER A 198 2.28 -5.36 -5.11
C SER A 198 3.82 -5.33 -5.02
N ALA A 199 4.35 -4.37 -4.25
CA ALA A 199 5.81 -4.23 -4.05
C ALA A 199 6.19 -3.54 -2.76
N SER A 200 7.38 -3.81 -2.27
CA SER A 200 7.84 -3.19 -1.06
C SER A 200 8.45 -1.85 -1.30
N LEU A 201 8.00 -0.86 -0.56
CA LEU A 201 8.49 0.51 -0.74
C LEU A 201 9.26 0.97 0.49
N ASN A 202 9.88 0.03 1.20
CA ASN A 202 10.65 0.41 2.38
C ASN A 202 11.95 1.16 2.05
N ARG A 203 12.73 0.62 1.11
CA ARG A 203 13.91 1.26 0.60
C ARG A 203 13.72 2.68 0.03
N VAL A 204 12.64 2.91 -0.75
CA VAL A 204 12.33 4.28 -1.20
C VAL A 204 12.09 5.19 0.00
N VAL A 205 11.28 4.74 0.93
CA VAL A 205 10.94 5.53 2.10
C VAL A 205 12.21 5.84 2.87
N GLU A 206 12.98 4.79 3.15
CA GLU A 206 14.22 4.92 3.86
C GLU A 206 15.07 6.04 3.25
N LYS A 207 15.25 6.00 1.93
CA LYS A 207 16.01 7.03 1.24
C LYS A 207 15.38 8.42 1.32
N LEU A 208 14.04 8.48 1.27
CA LEU A 208 13.34 9.74 1.33
C LEU A 208 13.63 10.46 2.63
N VAL A 209 13.45 9.73 3.70
CA VAL A 209 13.47 10.25 5.05
C VAL A 209 14.91 10.60 5.54
N LEU A 210 15.87 9.77 5.16
CA LEU A 210 17.25 9.98 5.56
C LEU A 210 18.04 10.81 4.56
N GLU A 211 17.63 10.83 3.30
CA GLU A 211 18.41 11.56 2.29
C GLU A 211 17.77 12.84 1.74
N VAL A 212 16.44 12.90 1.68
CA VAL A 212 15.75 14.11 1.22
C VAL A 212 15.34 14.93 2.44
N GLY A 213 14.72 14.26 3.42
CA GLY A 213 14.41 14.86 4.69
C GLY A 213 13.14 15.71 4.74
N ASP A 214 12.82 16.17 5.93
CA ASP A 214 11.62 16.94 6.23
C ASP A 214 10.42 16.45 5.40
N ILE A 215 10.15 15.15 5.53
CA ILE A 215 9.01 14.51 4.88
C ILE A 215 7.80 14.66 5.78
N HIS A 216 6.73 15.23 5.25
CA HIS A 216 5.57 15.56 6.07
C HIS A 216 4.57 14.42 6.20
N VAL A 217 4.14 13.87 5.07
CA VAL A 217 3.16 12.78 5.09
C VAL A 217 3.57 11.69 4.10
N LEU A 218 3.56 10.46 4.58
CA LEU A 218 3.64 9.27 3.74
C LEU A 218 2.39 8.44 3.98
N ARG A 219 1.90 7.84 2.91
CA ARG A 219 0.68 7.07 2.98
C ARG A 219 0.58 6.27 1.71
N ASP A 220 0.01 5.06 1.77
CA ASP A 220 -0.26 4.34 0.53
C ASP A 220 -1.74 4.21 0.28
N PRO A 221 -2.16 4.60 -0.94
CA PRO A 221 -3.59 4.62 -1.26
C PRO A 221 -4.05 3.22 -1.51
N THR A 222 -4.30 2.47 -0.44
CA THR A 222 -4.82 1.13 -0.57
C THR A 222 -6.37 1.09 -0.53
N ARG A 223 -6.93 1.30 0.66
CA ARG A 223 -8.37 1.26 0.92
C ARG A 223 -9.11 2.41 0.21
N GLY A 224 -9.84 2.09 -0.85
CA GLY A 224 -10.58 3.11 -1.58
C GLY A 224 -9.71 4.08 -2.38
N GLY A 225 -8.45 3.70 -2.63
CA GLY A 225 -7.63 4.36 -3.62
C GLY A 225 -7.15 5.74 -3.25
N LEU A 226 -6.65 6.47 -4.25
CA LEU A 226 -6.04 7.76 -4.01
C LEU A 226 -7.01 8.79 -3.42
N ALA A 227 -8.23 8.87 -3.94
CA ALA A 227 -9.16 9.87 -3.48
C ALA A 227 -9.42 9.79 -1.99
N THR A 228 -9.68 8.60 -1.49
CA THR A 228 -10.09 8.51 -0.11
C THR A 228 -8.93 8.67 0.86
N THR A 229 -7.73 8.25 0.48
CA THR A 229 -6.60 8.51 1.35
C THR A 229 -6.17 9.95 1.29
N LEU A 230 -6.37 10.57 0.15
CA LEU A 230 -6.24 12.02 0.07
C LEU A 230 -7.28 12.68 0.99
N ASN A 231 -8.47 12.11 1.10
CA ASN A 231 -9.48 12.67 2.00
C ASN A 231 -9.10 12.55 3.47
N GLU A 232 -8.50 11.43 3.84
CA GLU A 232 -8.09 11.19 5.23
C GLU A 232 -6.99 12.14 5.63
N ILE A 233 -6.05 12.40 4.72
CA ILE A 233 -4.97 13.35 4.98
C ILE A 233 -5.52 14.77 5.09
N ALA A 234 -6.25 15.22 4.07
CA ALA A 234 -6.89 16.53 4.08
C ALA A 234 -7.68 16.72 5.37
N GLY A 235 -8.36 15.67 5.80
CA GLY A 235 -9.12 15.69 7.04
C GLY A 235 -8.23 15.88 8.25
N GLN A 236 -7.26 14.99 8.42
CA GLN A 236 -6.39 15.01 9.57
C GLN A 236 -5.55 16.25 9.70
N SER A 237 -5.16 16.84 8.57
CA SER A 237 -4.32 18.03 8.61
C SER A 237 -5.10 19.33 8.69
N GLN A 238 -6.37 19.26 8.32
CA GLN A 238 -7.26 20.44 8.33
C GLN A 238 -6.89 21.43 7.23
N ALA A 239 -6.31 20.92 6.16
CA ALA A 239 -6.02 21.68 4.96
C ALA A 239 -6.84 21.12 3.79
N VAL A 240 -6.78 21.81 2.64
CA VAL A 240 -7.27 21.22 1.40
C VAL A 240 -6.10 20.63 0.60
N CYS A 241 -6.41 19.59 -0.18
CA CYS A 241 -5.47 19.04 -1.13
C CYS A 241 -5.96 19.45 -2.51
N HIS A 242 -5.02 19.96 -3.31
CA HIS A 242 -5.27 20.32 -4.70
C HIS A 242 -4.59 19.36 -5.65
N VAL A 243 -5.39 18.75 -6.52
CA VAL A 243 -4.89 17.71 -7.41
C VAL A 243 -5.12 18.11 -8.87
N LEU A 244 -4.19 17.78 -9.72
CA LEU A 244 -4.33 18.07 -11.15
C LEU A 244 -4.60 16.80 -11.94
N GLU A 245 -5.84 16.60 -12.40
CA GLU A 245 -6.18 15.35 -13.08
C GLU A 245 -5.10 14.79 -14.03
N THR A 246 -4.45 15.65 -14.84
CA THR A 246 -3.64 15.19 -15.94
C THR A 246 -2.34 14.65 -15.43
N ALA A 247 -1.93 15.20 -14.29
CA ALA A 247 -0.70 14.86 -13.60
C ALA A 247 -0.85 13.56 -12.85
N VAL A 248 -2.08 13.05 -12.73
CA VAL A 248 -2.28 11.78 -12.05
C VAL A 248 -2.08 10.64 -13.04
N PRO A 249 -1.02 9.88 -12.88
CA PRO A 249 -0.72 8.91 -13.90
C PRO A 249 -1.65 7.69 -13.79
N VAL A 250 -2.27 7.35 -14.92
CA VAL A 250 -3.15 6.20 -15.01
C VAL A 250 -2.79 5.55 -16.35
N ARG A 251 -2.52 4.23 -16.37
CA ARG A 251 -2.16 3.53 -17.60
C ARG A 251 -3.36 3.47 -18.52
N GLU A 252 -3.13 3.64 -19.83
CA GLU A 252 -4.23 3.74 -20.81
C GLU A 252 -5.15 2.53 -20.72
N SER A 253 -4.56 1.33 -20.68
CA SER A 253 -5.33 0.10 -20.55
C SER A 253 -6.11 0.01 -19.25
N VAL A 254 -5.62 0.70 -18.20
CA VAL A 254 -6.35 0.78 -16.92
C VAL A 254 -7.46 1.78 -17.09
N ARG A 255 -7.20 2.87 -17.80
CA ARG A 255 -8.29 3.77 -18.17
C ARG A 255 -9.39 3.04 -18.91
N ASN A 256 -9.01 2.24 -19.91
CA ASN A 256 -9.99 1.52 -20.74
C ASN A 256 -10.68 0.38 -20.00
N GLY A 257 -9.93 -0.30 -19.15
CA GLY A 257 -10.48 -1.33 -18.29
C GLY A 257 -11.50 -0.73 -17.34
N CYS A 258 -11.23 0.48 -16.86
CA CYS A 258 -12.09 1.12 -15.86
C CYS A 258 -13.44 1.61 -16.39
N SER A 259 -13.47 2.16 -17.60
CA SER A 259 -14.75 2.59 -18.17
C SER A 259 -15.58 1.42 -18.73
N PHE A 260 -14.93 0.33 -19.13
CA PHE A 260 -15.65 -0.87 -19.56
C PHE A 260 -16.45 -1.45 -18.41
N LEU A 261 -15.88 -1.41 -17.21
CA LEU A 261 -16.49 -2.02 -16.04
C LEU A 261 -17.09 -0.99 -15.11
N GLY A 262 -17.09 0.28 -15.53
CA GLY A 262 -17.70 1.38 -14.77
C GLY A 262 -17.03 1.62 -13.43
N LEU A 263 -15.71 1.86 -13.45
CA LEU A 263 -14.97 2.12 -12.22
C LEU A 263 -14.23 3.46 -12.30
N ASP A 264 -14.03 4.11 -11.15
CA ASP A 264 -13.11 5.26 -11.03
C ASP A 264 -11.70 4.81 -10.56
N PRO A 265 -10.71 4.83 -11.47
CA PRO A 265 -9.37 4.41 -11.06
C PRO A 265 -8.78 5.18 -9.86
N LEU A 266 -9.34 6.34 -9.53
CA LEU A 266 -8.80 7.13 -8.41
C LEU A 266 -9.32 6.65 -7.07
N TYR A 267 -10.26 5.70 -7.13
CA TYR A 267 -10.77 5.06 -5.92
C TYR A 267 -10.43 3.58 -5.90
N LEU A 268 -9.86 3.04 -6.97
CA LEU A 268 -9.42 1.65 -6.97
C LEU A 268 -8.22 1.47 -6.08
N ALA A 269 -8.16 0.31 -5.42
CA ALA A 269 -7.06 -0.03 -4.50
C ALA A 269 -5.71 -0.08 -5.21
N ASN A 270 -4.68 0.45 -4.56
CA ASN A 270 -3.29 0.24 -4.97
C ASN A 270 -2.47 -0.49 -3.90
N GLU A 271 -1.65 -1.44 -4.34
CA GLU A 271 -0.91 -2.22 -3.39
C GLU A 271 0.57 -1.95 -3.41
N GLY A 272 0.99 -1.07 -4.32
CA GLY A 272 2.42 -0.83 -4.49
C GLY A 272 2.78 0.61 -4.66
N LYS A 273 2.01 1.49 -4.03
CA LYS A 273 2.14 2.90 -4.28
C LYS A 273 2.17 3.69 -2.99
N LEU A 274 2.53 4.94 -3.09
CA LEU A 274 2.69 5.79 -1.91
C LEU A 274 2.48 7.26 -2.26
N ILE A 275 1.81 7.99 -1.39
CA ILE A 275 1.63 9.42 -1.54
C ILE A 275 2.69 10.03 -0.63
N CYS A 276 3.39 11.06 -1.12
CA CYS A 276 4.42 11.72 -0.35
C CYS A 276 4.11 13.20 -0.40
N ILE A 277 4.08 13.83 0.77
CA ILE A 277 3.71 15.24 0.89
C ILE A 277 4.74 15.92 1.77
N LEU A 278 5.36 16.96 1.23
CA LEU A 278 6.50 17.62 1.87
C LEU A 278 6.57 19.05 1.38
N PRO A 279 7.34 19.91 2.08
CA PRO A 279 7.61 21.28 1.61
C PRO A 279 8.06 21.37 0.14
N GLU A 280 7.64 22.44 -0.52
CA GLU A 280 8.00 22.71 -1.93
C GLU A 280 9.51 22.62 -2.23
N GLU A 281 10.33 23.16 -1.33
CA GLU A 281 11.80 23.14 -1.47
C GLU A 281 12.40 21.75 -1.74
N ARG A 282 11.85 20.70 -1.13
CA ARG A 282 12.43 19.36 -1.23
C ARG A 282 11.75 18.45 -2.27
N ALA A 283 10.73 19.00 -2.94
CA ALA A 283 9.85 18.23 -3.84
C ALA A 283 10.56 17.62 -5.05
N GLU A 284 11.39 18.42 -5.72
CA GLU A 284 12.08 17.94 -6.91
C GLU A 284 13.02 16.81 -6.49
N ALA A 285 13.76 16.99 -5.40
CA ALA A 285 14.67 15.93 -4.90
C ALA A 285 13.95 14.63 -4.46
N ALA A 286 12.71 14.76 -3.97
CA ALA A 286 11.92 13.60 -3.58
C ALA A 286 11.36 12.79 -4.77
N LEU A 287 11.01 13.48 -5.86
CA LEU A 287 10.74 12.79 -7.13
C LEU A 287 11.96 12.00 -7.65
N ALA A 288 13.15 12.58 -7.58
CA ALA A 288 14.33 11.87 -8.02
C ALA A 288 14.28 10.46 -7.45
N VAL A 289 14.24 10.39 -6.12
CA VAL A 289 14.16 9.14 -5.40
C VAL A 289 12.98 8.31 -5.89
N LEU A 290 11.79 8.92 -5.91
CA LEU A 290 10.56 8.24 -6.29
C LEU A 290 10.61 7.57 -7.67
N ARG A 291 11.24 8.21 -8.65
CA ARG A 291 11.46 7.63 -9.99
C ARG A 291 12.28 6.33 -9.97
N GLU A 292 13.20 6.22 -9.01
CA GLU A 292 14.05 5.03 -8.88
C GLU A 292 13.39 4.00 -8.01
N GLY A 293 12.18 4.35 -7.52
CA GLY A 293 11.42 3.45 -6.65
C GLY A 293 10.67 2.41 -7.48
N PRO A 294 10.06 1.43 -6.81
CA PRO A 294 9.33 0.48 -7.63
C PRO A 294 8.17 1.22 -8.27
N HIS A 295 7.91 0.86 -9.53
CA HIS A 295 6.86 1.44 -10.37
C HIS A 295 7.03 2.94 -10.55
N GLY A 296 8.23 3.41 -10.19
CA GLY A 296 8.66 4.80 -10.20
C GLY A 296 8.86 5.45 -11.56
N GLU A 297 8.70 4.70 -12.66
CA GLU A 297 8.68 5.35 -14.00
C GLU A 297 7.74 6.54 -14.01
N HIS A 298 6.63 6.39 -13.31
CA HIS A 298 5.52 7.29 -13.48
C HIS A 298 5.38 8.27 -12.31
N ALA A 299 6.34 8.27 -11.40
CA ALA A 299 6.27 9.12 -10.22
C ALA A 299 6.09 10.55 -10.67
N ALA A 300 5.25 11.32 -9.98
CA ALA A 300 4.82 12.66 -10.47
C ALA A 300 4.38 13.57 -9.34
N ARG A 301 4.52 14.88 -9.53
CA ARG A 301 3.81 15.84 -8.69
C ARG A 301 2.39 15.97 -9.21
N ILE A 302 1.43 15.77 -8.32
CA ILE A 302 0.01 15.72 -8.69
C ILE A 302 -0.75 16.89 -8.10
N GLY A 303 -0.13 17.61 -7.17
CA GLY A 303 -0.72 18.84 -6.69
C GLY A 303 0.02 19.51 -5.56
N SER A 304 -0.73 20.26 -4.76
CA SER A 304 -0.17 20.99 -3.65
C SER A 304 -1.20 21.02 -2.54
N VAL A 305 -0.75 21.40 -1.35
CA VAL A 305 -1.63 21.55 -0.18
C VAL A 305 -1.82 23.02 0.08
N LYS A 306 -3.08 23.42 0.15
CA LYS A 306 -3.46 24.82 0.38
C LYS A 306 -4.33 24.98 1.63
N SER A 307 -4.18 26.13 2.29
CA SER A 307 -4.94 26.43 3.51
C SER A 307 -6.38 26.84 3.19
N VAL A 308 -7.25 26.66 4.18
CA VAL A 308 -8.66 27.01 4.06
C VAL A 308 -8.89 28.30 3.25
N GLY A 309 -9.83 28.24 2.31
CA GLY A 309 -10.25 29.42 1.56
C GLY A 309 -9.24 30.03 0.62
N GLU A 310 -8.09 29.38 0.45
CA GLU A 310 -7.02 29.89 -0.41
C GLU A 310 -7.38 29.83 -1.90
N LEU A 311 -8.30 28.96 -2.28
CA LEU A 311 -8.74 28.83 -3.68
C LEU A 311 -9.71 29.95 -4.17
N GLY A 312 -10.88 30.13 -3.55
CA GLY A 312 -11.31 29.38 -2.36
C GLY A 312 -12.66 28.68 -2.47
N ALA A 313 -13.56 29.01 -1.53
CA ALA A 313 -14.80 28.26 -1.21
C ALA A 313 -14.55 26.83 -0.64
N ALA A 314 -13.71 26.04 -1.32
CA ALA A 314 -13.32 24.69 -0.88
C ALA A 314 -12.95 24.59 0.60
N ARG A 315 -13.52 23.60 1.28
CA ARG A 315 -13.50 23.49 2.74
C ARG A 315 -12.36 22.61 3.27
N ALA A 316 -12.10 22.69 4.58
CA ALA A 316 -11.07 21.87 5.23
C ALA A 316 -11.53 20.43 5.40
N GLY A 317 -10.71 19.51 4.89
CA GLY A 317 -11.08 18.09 4.81
C GLY A 317 -11.42 17.70 3.38
N GLN A 318 -11.39 18.68 2.48
CA GLN A 318 -11.84 18.50 1.10
C GLN A 318 -10.70 18.35 0.09
N VAL A 319 -10.97 17.55 -0.92
CA VAL A 319 -10.02 17.29 -1.97
C VAL A 319 -10.61 17.79 -3.28
N VAL A 320 -9.98 18.81 -3.88
CA VAL A 320 -10.47 19.33 -5.15
C VAL A 320 -9.50 19.17 -6.30
N MET A 321 -9.98 18.54 -7.36
CA MET A 321 -9.18 18.29 -8.57
C MET A 321 -9.50 19.30 -9.69
N GLU A 322 -8.45 19.99 -10.27
CA GLU A 322 -8.63 20.64 -11.56
C GLU A 322 -8.75 19.61 -12.68
N THR A 323 -9.89 19.50 -13.27
CA THR A 323 -10.10 18.48 -14.31
C THR A 323 -9.20 18.68 -15.56
N ALA A 324 -9.16 17.61 -16.39
CA ALA A 324 -8.51 17.73 -17.68
C ALA A 324 -9.15 18.75 -18.61
N LEU A 325 -10.48 18.94 -18.49
CA LEU A 325 -11.28 19.81 -19.36
C LEU A 325 -11.35 21.29 -18.91
N GLY A 326 -10.60 21.67 -17.83
CA GLY A 326 -10.56 23.07 -17.41
C GLY A 326 -11.56 23.37 -16.32
N GLY A 327 -12.34 22.43 -15.80
CA GLY A 327 -13.21 22.62 -14.65
C GLY A 327 -12.67 22.03 -13.35
N HIS A 328 -13.61 21.70 -12.47
CA HIS A 328 -13.32 21.16 -11.15
C HIS A 328 -14.20 20.00 -10.74
N ARG A 329 -13.62 19.15 -9.91
CA ARG A 329 -14.32 18.00 -9.37
C ARG A 329 -13.91 17.81 -7.93
N LEU A 330 -14.93 17.67 -7.08
CA LEU A 330 -14.73 17.40 -5.68
C LEU A 330 -14.59 15.89 -5.56
N LEU A 331 -13.42 15.44 -5.10
CA LEU A 331 -13.21 14.03 -4.83
C LEU A 331 -13.73 13.73 -3.43
N SER A 332 -14.85 13.02 -3.38
CA SER A 332 -15.58 12.79 -2.14
C SER A 332 -15.24 11.41 -1.60
N MET A 333 -15.44 11.25 -0.30
CA MET A 333 -15.16 9.99 0.41
C MET A 333 -16.01 8.82 -0.05
N LEU A 334 -15.33 7.75 -0.45
CA LEU A 334 -15.90 6.47 -0.89
C LEU A 334 -17.35 6.53 -1.47
N GLU A 335 -18.23 5.62 -1.00
CA GLU A 335 -19.64 5.59 -1.43
C GLU A 335 -20.62 4.95 -0.41
N GLY A 336 -20.63 3.64 -0.17
CA GLY A 336 -19.76 2.63 -0.80
C GLY A 336 -18.92 1.85 0.19
N GLU A 337 -19.59 1.12 1.09
CA GLU A 337 -18.95 0.32 2.18
C GLU A 337 -17.53 -0.16 1.81
N GLN A 338 -17.45 -0.71 0.59
CA GLN A 338 -16.21 -1.01 -0.12
C GLN A 338 -16.60 -1.77 -1.39
N LEU A 339 -15.60 -2.30 -2.09
CA LEU A 339 -15.77 -3.41 -3.00
C LEU A 339 -15.07 -4.57 -2.32
N PRO A 340 -15.64 -5.79 -2.41
CA PRO A 340 -15.15 -6.79 -1.45
C PRO A 340 -13.88 -7.52 -1.88
N ARG A 341 -13.10 -7.94 -0.90
CA ARG A 341 -11.97 -8.86 -1.09
C ARG A 341 -10.96 -8.49 -2.20
N ILE A 342 -10.63 -7.21 -2.32
CA ILE A 342 -9.60 -6.80 -3.28
C ILE A 342 -8.16 -6.97 -2.76
N CYS A 343 -8.01 -7.24 -1.46
CA CYS A 343 -6.70 -7.39 -0.83
C CYS A 343 -6.77 -8.18 0.47
#